data_4NUJ
#
_entry.id   4NUJ
#
_cell.length_a   119.990
_cell.length_b   66.300
_cell.length_c   84.878
_cell.angle_alpha   90.00
_cell.angle_beta   134.12
_cell.angle_gamma   90.00
#
_symmetry.space_group_name_H-M   'C 1 2 1'
#
loop_
_entity.id
_entity.type
_entity.pdbx_description
1 polymer 'PGT152 light chain'
2 polymer 'PGT152 heavy chain'
3 water water
#
loop_
_entity_poly.entity_id
_entity_poly.type
_entity_poly.pdbx_seq_one_letter_code
_entity_poly.pdbx_strand_id
1 'polypeptide(L)'
;DIVMTQTPLSLSVDPGQPASISCKSSQSLRQSNGKTSLYWYQQKPGQSPQLLIFEVSNRFSGVSDRFVGSGSGTDFTLRI
SRVEAEDVGFYYCMQSKDFPLTFGGGTKVDLKRTVAAPSVFIFPPSDEQLKSGTASVVCLLNNFYPREAKVQWKVDNALQ
SGNSQESVTEQDSKDSTYSLSSTLTLSKADYEKHKVYACEVTHQGLSSPVTKSFNRGEC
;
A
2 'polypeptide(L)'
;RVQLVESGGGVVQPGKSVRLSCVVSDFPFSKYPMYWVRQAPGKGLEWVAAISADAWHVVYSGSVQGRFLVSRDNSKNILY
LEMNTLKIEDTAVYRCARMFQESGPPRFDSWSGRNYYYYSGMDVWGQGTTVTVSSASTKGPSVFPLAPSSKSTSGGTAAL
GCLVKDYFPEPVTVSWNSGALTSGVHTFPAVLQSSGLYSLSSVVTVPSSSLGTQTYICNVNHKPSNTKVDKRVEPKSCDK
;
B
#
# COMPACT_ATOMS: atom_id res chain seq x y z
N ASP A 1 4.21 17.94 19.33
CA ASP A 1 3.29 17.16 18.51
C ASP A 1 2.26 16.44 19.37
N ILE A 2 1.01 16.45 18.93
CA ILE A 2 0.00 15.60 19.55
C ILE A 2 0.01 14.27 18.80
N VAL A 3 0.21 13.19 19.55
CA VAL A 3 0.22 11.84 18.99
C VAL A 3 -1.15 11.20 19.07
N MET A 4 -1.61 10.63 17.96
CA MET A 4 -2.92 9.98 17.90
C MET A 4 -2.76 8.46 17.88
N THR A 5 -3.43 7.80 18.83
CA THR A 5 -3.34 6.34 19.02
C THR A 5 -4.67 5.73 18.64
N GLN A 6 -4.67 5.05 17.50
CA GLN A 6 -5.89 4.48 16.96
C GLN A 6 -5.90 2.97 17.18
N THR A 7 -7.04 2.45 17.64
CA THR A 7 -7.23 1.02 17.89
C THR A 7 -8.62 0.54 17.47
N PRO A 8 -8.73 -0.72 17.02
CA PRO A 8 -7.64 -1.68 16.83
C PRO A 8 -6.93 -1.43 15.51
N LEU A 9 -5.76 -2.02 15.25
CA LEU A 9 -5.10 -1.78 13.97
C LEU A 9 -5.84 -2.42 12.80
N SER A 10 -6.63 -3.44 13.09
CA SER A 10 -7.44 -4.10 12.07
C SER A 10 -8.73 -4.63 12.67
N LEU A 11 -9.74 -4.78 11.81
CA LEU A 11 -11.05 -5.20 12.27
C LEU A 11 -11.72 -5.93 11.13
N SER A 12 -12.23 -7.13 11.40
CA SER A 12 -12.97 -7.87 10.41
C SER A 12 -14.44 -7.75 10.74
N VAL A 13 -15.26 -7.47 9.74
CA VAL A 13 -16.66 -7.20 10.00
C VAL A 13 -17.61 -8.16 9.28
N ASP A 14 -18.70 -8.51 9.97
CA ASP A 14 -19.82 -9.22 9.38
C ASP A 14 -20.86 -8.19 8.99
N PRO A 15 -21.23 -8.16 7.70
CA PRO A 15 -22.24 -7.20 7.23
C PRO A 15 -23.49 -7.26 8.09
N GLY A 16 -24.02 -6.10 8.47
CA GLY A 16 -25.19 -6.03 9.34
C GLY A 16 -24.83 -5.84 10.80
N GLN A 17 -23.60 -6.16 11.17
CA GLN A 17 -23.15 -6.05 12.55
C GLN A 17 -22.44 -4.72 12.77
N PRO A 18 -22.35 -4.28 14.03
CA PRO A 18 -21.70 -2.99 14.27
C PRO A 18 -20.18 -3.10 14.30
N ALA A 19 -19.50 -1.97 14.14
CA ALA A 19 -18.06 -1.91 14.23
C ALA A 19 -17.67 -0.64 14.97
N SER A 20 -16.65 -0.71 15.81
CA SER A 20 -16.21 0.44 16.58
C SER A 20 -14.71 0.62 16.46
N ILE A 21 -14.27 1.85 16.27
CA ILE A 21 -12.88 2.17 16.13
C ILE A 21 -12.58 3.28 17.11
N SER A 22 -11.49 3.19 17.85
CA SER A 22 -11.21 4.23 18.82
C SER A 22 -9.94 5.00 18.50
N CYS A 23 -9.89 6.21 19.00
CA CYS A 23 -8.78 7.10 18.77
C CYS A 23 -8.51 7.83 20.07
N LYS A 24 -7.26 7.78 20.52
CA LYS A 24 -6.81 8.45 21.74
C LYS A 24 -5.77 9.48 21.37
N SER A 25 -5.86 10.67 21.94
CA SER A 25 -4.84 11.68 21.71
C SER A 25 -3.96 11.88 22.93
N SER A 26 -2.71 12.26 22.69
CA SER A 26 -1.75 12.40 23.78
C SER A 26 -1.97 13.70 24.56
N GLN A 27 -2.79 14.59 24.01
CA GLN A 27 -3.19 15.84 24.68
C GLN A 27 -4.66 16.11 24.36
N SER A 28 -5.31 16.99 25.13
CA SER A 28 -6.71 17.29 24.89
C SER A 28 -6.94 18.04 23.58
N LEU A 29 -8.04 17.72 22.90
CA LEU A 29 -8.33 18.30 21.61
C LEU A 29 -9.34 19.44 21.66
N ARG A 30 -9.75 19.80 22.86
CA ARG A 30 -10.71 20.89 23.04
C ARG A 30 -10.06 22.25 22.80
N GLN A 31 -10.66 23.04 21.92
CA GLN A 31 -10.11 24.35 21.57
C GLN A 31 -10.63 25.44 22.49
N SER A 32 -10.17 26.66 22.27
CA SER A 32 -10.64 27.82 23.01
C SER A 32 -12.12 28.05 22.71
N ASN A 33 -12.47 27.95 21.43
CA ASN A 33 -13.82 28.25 20.96
C ASN A 33 -14.86 27.19 21.32
N GLY A 34 -14.48 26.26 22.20
CA GLY A 34 -15.39 25.22 22.65
C GLY A 34 -15.58 24.06 21.68
N LYS A 35 -14.98 24.18 20.50
CA LYS A 35 -15.00 23.10 19.51
C LYS A 35 -13.82 22.14 19.73
N THR A 36 -14.04 20.86 19.49
CA THR A 36 -13.01 19.85 19.69
C THR A 36 -12.56 19.36 18.31
N SER A 37 -11.27 19.53 18.02
CA SER A 37 -10.78 19.35 16.65
C SER A 37 -10.41 17.92 16.31
N LEU A 38 -11.42 17.06 16.23
CA LEU A 38 -11.18 15.66 15.88
C LEU A 38 -12.00 15.32 14.65
N TYR A 39 -11.32 14.73 13.65
CA TYR A 39 -11.96 14.40 12.37
C TYR A 39 -11.72 12.93 12.05
N TRP A 40 -12.64 12.35 11.30
CA TRP A 40 -12.50 10.97 10.83
C TRP A 40 -12.56 10.91 9.31
N TYR A 41 -11.63 10.17 8.73
CA TYR A 41 -11.58 9.98 7.28
C TYR A 41 -11.68 8.51 6.94
N GLN A 42 -12.29 8.22 5.80
CA GLN A 42 -12.36 6.88 5.24
C GLN A 42 -11.56 6.81 3.94
N GLN A 43 -10.76 5.76 3.78
CA GLN A 43 -10.03 5.59 2.52
C GLN A 43 -10.30 4.21 1.95
N LYS A 44 -11.16 4.18 0.95
CA LYS A 44 -11.53 2.96 0.25
C LYS A 44 -10.41 2.52 -0.69
N PRO A 45 -10.35 1.22 -1.02
CA PRO A 45 -9.36 0.66 -1.95
C PRO A 45 -9.23 1.51 -3.21
N GLY A 46 -8.01 1.94 -3.52
CA GLY A 46 -7.74 2.70 -4.72
C GLY A 46 -8.21 4.15 -4.75
N GLN A 47 -8.76 4.63 -3.64
CA GLN A 47 -9.31 5.99 -3.59
C GLN A 47 -8.52 6.93 -2.67
N SER A 48 -8.84 8.21 -2.76
CA SER A 48 -8.32 9.19 -1.83
C SER A 48 -9.17 9.18 -0.57
N PRO A 49 -8.64 9.74 0.52
CA PRO A 49 -9.44 9.82 1.75
C PRO A 49 -10.69 10.68 1.51
N GLN A 50 -11.73 10.41 2.27
CA GLN A 50 -12.93 11.22 2.26
C GLN A 50 -13.34 11.54 3.69
N LEU A 51 -13.81 12.76 3.90
CA LEU A 51 -14.27 13.18 5.22
C LEU A 51 -15.57 12.49 5.60
N LEU A 52 -15.59 11.89 6.78
CA LEU A 52 -16.80 11.28 7.32
C LEU A 52 -17.37 12.17 8.41
N ILE A 53 -16.52 12.52 9.38
CA ILE A 53 -16.97 13.21 10.59
C ILE A 53 -16.07 14.39 10.88
N PHE A 54 -16.66 15.54 11.16
CA PHE A 54 -15.86 16.68 11.59
C PHE A 54 -16.21 17.14 13.01
N GLU A 55 -15.17 17.57 13.72
CA GLU A 55 -15.31 18.07 15.10
C GLU A 55 -16.10 17.10 15.98
N VAL A 56 -15.58 15.88 16.05
CA VAL A 56 -16.05 14.80 16.91
C VAL A 56 -17.29 14.07 16.43
N SER A 57 -18.38 14.80 16.20
CA SER A 57 -19.67 14.14 16.01
C SER A 57 -20.49 14.59 14.79
N ASN A 58 -19.99 15.56 14.04
CA ASN A 58 -20.79 16.10 12.93
C ASN A 58 -20.52 15.39 11.62
N ARG A 59 -21.56 14.88 10.99
CA ARG A 59 -21.40 14.18 9.72
C ARG A 59 -21.27 15.15 8.58
N PHE A 60 -20.29 14.89 7.73
CA PHE A 60 -20.12 15.66 6.52
C PHE A 60 -21.35 15.39 5.65
N SER A 61 -21.80 16.43 4.96
CA SER A 61 -22.96 16.32 4.07
C SER A 61 -22.84 15.10 3.17
N GLY A 62 -23.87 14.27 3.16
CA GLY A 62 -23.91 13.12 2.28
C GLY A 62 -23.47 11.80 2.91
N VAL A 63 -22.86 11.88 4.10
CA VAL A 63 -22.36 10.69 4.77
C VAL A 63 -23.52 10.00 5.46
N SER A 64 -23.59 8.69 5.32
CA SER A 64 -24.66 7.90 5.92
C SER A 64 -24.71 8.07 7.43
N ASP A 65 -25.92 8.14 7.98
CA ASP A 65 -26.09 8.25 9.43
C ASP A 65 -25.77 6.96 10.17
N ARG A 66 -25.28 5.95 9.44
CA ARG A 66 -24.75 4.75 10.05
C ARG A 66 -23.41 5.06 10.74
N PHE A 67 -22.76 6.14 10.32
CA PHE A 67 -21.52 6.57 10.96
C PHE A 67 -21.79 7.56 12.08
N VAL A 68 -21.37 7.20 13.30
CA VAL A 68 -21.58 8.06 14.47
C VAL A 68 -20.27 8.33 15.21
N GLY A 69 -19.93 9.60 15.38
CA GLY A 69 -18.73 9.93 16.11
C GLY A 69 -19.05 10.43 17.52
N SER A 70 -18.20 10.06 18.47
CA SER A 70 -18.40 10.48 19.85
C SER A 70 -17.07 10.69 20.56
N GLY A 71 -17.13 11.31 21.74
CA GLY A 71 -15.98 11.44 22.60
C GLY A 71 -15.69 12.86 23.04
N SER A 72 -14.67 13.01 23.88
CA SER A 72 -14.26 14.33 24.34
C SER A 72 -12.87 14.20 24.93
N GLY A 73 -12.15 15.31 25.00
CA GLY A 73 -10.84 15.32 25.62
C GLY A 73 -9.82 14.55 24.82
N THR A 74 -9.50 13.35 25.27
CA THR A 74 -8.50 12.53 24.61
C THR A 74 -9.07 11.21 24.11
N ASP A 75 -10.38 11.00 24.26
CA ASP A 75 -10.95 9.68 23.98
C ASP A 75 -12.12 9.76 23.03
N PHE A 76 -11.96 9.16 21.86
CA PHE A 76 -12.93 9.29 20.77
C PHE A 76 -13.26 7.94 20.12
N THR A 77 -14.46 7.84 19.56
CA THR A 77 -14.90 6.59 18.92
C THR A 77 -15.68 6.89 17.64
N LEU A 78 -15.38 6.12 16.60
CA LEU A 78 -16.21 6.12 15.40
C LEU A 78 -16.93 4.77 15.38
N ARG A 79 -18.25 4.80 15.39
CA ARG A 79 -19.00 3.56 15.41
C ARG A 79 -19.81 3.48 14.12
N ILE A 80 -19.71 2.35 13.44
CA ILE A 80 -20.42 2.14 12.20
C ILE A 80 -21.56 1.18 12.51
N SER A 81 -22.80 1.65 12.41
CA SER A 81 -23.95 0.78 12.60
C SER A 81 -24.18 0.01 11.31
N ARG A 82 -24.64 -1.23 11.44
CA ARG A 82 -25.07 -2.01 10.28
C ARG A 82 -24.05 -1.94 9.15
N VAL A 83 -22.87 -2.49 9.42
CA VAL A 83 -21.78 -2.49 8.45
C VAL A 83 -22.20 -3.07 7.10
N GLU A 84 -21.82 -2.39 6.03
CA GLU A 84 -22.03 -2.91 4.68
C GLU A 84 -20.69 -3.30 4.07
N ALA A 85 -20.72 -4.15 3.05
CA ALA A 85 -19.50 -4.64 2.43
C ALA A 85 -18.67 -3.51 1.84
N GLU A 86 -19.33 -2.45 1.38
CA GLU A 86 -18.63 -1.31 0.80
C GLU A 86 -17.93 -0.42 1.84
N ASP A 87 -18.01 -0.81 3.12
CA ASP A 87 -17.35 -0.08 4.19
C ASP A 87 -15.89 -0.50 4.39
N VAL A 88 -15.43 -1.50 3.66
CA VAL A 88 -14.06 -1.97 3.85
C VAL A 88 -13.06 -0.91 3.38
N GLY A 89 -11.87 -0.93 3.96
CA GLY A 89 -10.87 0.08 3.65
C GLY A 89 -10.20 0.55 4.92
N PHE A 90 -9.49 1.67 4.85
CA PHE A 90 -8.81 2.20 6.01
C PHE A 90 -9.58 3.39 6.59
N TYR A 91 -9.55 3.52 7.91
CA TYR A 91 -10.14 4.67 8.60
C TYR A 91 -9.06 5.37 9.40
N TYR A 92 -9.02 6.71 9.32
CA TYR A 92 -8.00 7.49 10.03
C TYR A 92 -8.67 8.57 10.85
N CYS A 93 -8.27 8.72 12.11
CA CYS A 93 -8.64 9.93 12.83
C CYS A 93 -7.55 10.96 12.61
N MET A 94 -7.88 12.22 12.82
CA MET A 94 -6.91 13.30 12.67
C MET A 94 -7.29 14.44 13.61
N GLN A 95 -6.30 15.11 14.18
CA GLN A 95 -6.55 16.30 14.98
C GLN A 95 -6.08 17.57 14.26
N SER A 96 -6.81 18.68 14.45
CA SER A 96 -6.33 19.97 13.95
C SER A 96 -6.28 21.02 15.06
N LYS A 97 -6.20 20.57 16.30
CA LYS A 97 -6.02 21.49 17.43
C LYS A 97 -4.73 22.30 17.30
N ASP A 98 -3.63 21.63 16.98
CA ASP A 98 -2.38 22.35 16.73
C ASP A 98 -1.58 21.77 15.58
N PHE A 99 -0.62 22.56 15.10
CA PHE A 99 0.33 22.05 14.13
C PHE A 99 1.45 21.34 14.89
N PRO A 100 1.96 20.24 14.33
CA PRO A 100 1.52 19.67 13.05
C PRO A 100 0.18 18.96 13.16
N LEU A 101 -0.63 19.04 12.11
CA LEU A 101 -1.83 18.23 12.02
C LEU A 101 -1.31 16.81 12.07
N THR A 102 -1.96 15.95 12.85
CA THR A 102 -1.48 14.58 12.99
C THR A 102 -2.61 13.59 12.83
N PHE A 103 -2.27 12.44 12.27
CA PHE A 103 -3.23 11.37 12.04
C PHE A 103 -2.95 10.18 12.93
N GLY A 104 -4.01 9.45 13.28
CA GLY A 104 -3.86 8.12 13.84
C GLY A 104 -3.22 7.17 12.84
N GLY A 105 -2.74 6.01 13.32
CA GLY A 105 -2.02 5.06 12.49
C GLY A 105 -2.91 4.29 11.54
N GLY A 106 -4.21 4.45 11.69
CA GLY A 106 -5.18 3.85 10.78
C GLY A 106 -5.72 2.52 11.29
N THR A 107 -6.92 2.18 10.81
CA THR A 107 -7.53 0.89 11.12
C THR A 107 -7.94 0.25 9.80
N LYS A 108 -7.52 -0.99 9.57
CA LYS A 108 -7.89 -1.69 8.34
C LYS A 108 -9.14 -2.54 8.56
N VAL A 109 -10.19 -2.23 7.81
CA VAL A 109 -11.44 -2.97 7.92
C VAL A 109 -11.56 -3.91 6.72
N ASP A 110 -11.64 -5.20 7.01
CA ASP A 110 -11.87 -6.17 5.93
C ASP A 110 -13.13 -6.98 6.22
N LEU A 111 -13.46 -7.89 5.31
CA LEU A 111 -14.71 -8.65 5.38
C LEU A 111 -14.48 -9.98 6.08
N LYS A 112 -15.28 -10.28 7.08
CA LYS A 112 -15.12 -11.55 7.76
C LYS A 112 -15.64 -12.69 6.90
N ARG A 113 -14.97 -13.84 6.99
CA ARG A 113 -15.43 -15.07 6.37
C ARG A 113 -14.91 -16.23 7.19
N THR A 114 -15.28 -17.44 6.82
CA THR A 114 -14.80 -18.61 7.55
C THR A 114 -13.28 -18.73 7.40
N VAL A 115 -12.65 -19.35 8.39
CA VAL A 115 -11.22 -19.59 8.34
C VAL A 115 -10.92 -20.49 7.15
N ALA A 116 -9.85 -20.16 6.42
CA ALA A 116 -9.40 -20.96 5.28
C ALA A 116 -7.89 -21.07 5.40
N ALA A 117 -7.40 -22.30 5.48
CA ALA A 117 -5.97 -22.53 5.58
C ALA A 117 -5.31 -22.24 4.23
N PRO A 118 -4.06 -21.76 4.25
CA PRO A 118 -3.36 -21.54 2.97
C PRO A 118 -2.94 -22.84 2.32
N SER A 119 -2.99 -22.86 0.99
CA SER A 119 -2.32 -23.89 0.22
C SER A 119 -0.91 -23.38 0.02
N VAL A 120 0.10 -24.18 0.36
CA VAL A 120 1.48 -23.69 0.31
C VAL A 120 2.28 -24.32 -0.83
N PHE A 121 3.03 -23.48 -1.56
CA PHE A 121 3.88 -23.93 -2.65
C PHE A 121 5.30 -23.34 -2.52
N ILE A 122 6.30 -24.09 -2.93
CA ILE A 122 7.66 -23.56 -2.89
C ILE A 122 8.31 -23.69 -4.28
N PHE A 123 9.03 -22.65 -4.70
CA PHE A 123 9.68 -22.60 -6.00
C PHE A 123 11.17 -22.38 -5.87
N PRO A 124 11.97 -23.31 -6.41
CA PRO A 124 13.42 -23.10 -6.41
C PRO A 124 13.79 -22.03 -7.43
N PRO A 125 14.99 -21.46 -7.33
CA PRO A 125 15.41 -20.50 -8.36
C PRO A 125 15.52 -21.20 -9.71
N SER A 126 15.26 -20.47 -10.78
CA SER A 126 15.39 -20.98 -12.13
C SER A 126 16.87 -21.09 -12.52
N ASP A 127 17.18 -22.00 -13.43
CA ASP A 127 18.57 -22.11 -13.91
C ASP A 127 19.00 -20.81 -14.57
N GLU A 128 18.06 -20.15 -15.24
CA GLU A 128 18.32 -18.88 -15.89
C GLU A 128 18.86 -17.87 -14.88
N GLN A 129 18.18 -17.73 -13.75
CA GLN A 129 18.62 -16.78 -12.76
C GLN A 129 19.98 -17.12 -12.15
N LEU A 130 20.16 -18.39 -11.83
CA LEU A 130 21.42 -18.84 -11.23
C LEU A 130 22.64 -18.49 -12.08
N LYS A 131 22.48 -18.53 -13.40
CA LYS A 131 23.52 -18.07 -14.32
C LYS A 131 23.98 -16.62 -14.06
N SER A 132 23.15 -15.85 -13.36
CA SER A 132 23.46 -14.43 -13.18
C SER A 132 24.01 -14.09 -11.79
N GLY A 133 24.19 -15.10 -10.96
CA GLY A 133 24.86 -14.91 -9.69
C GLY A 133 23.96 -14.71 -8.48
N THR A 134 22.66 -14.75 -8.71
CA THR A 134 21.71 -14.56 -7.62
C THR A 134 20.68 -15.68 -7.62
N ALA A 135 20.16 -16.02 -6.45
CA ALA A 135 19.14 -17.05 -6.34
C ALA A 135 17.95 -16.48 -5.56
N SER A 136 16.77 -16.52 -6.15
CA SER A 136 15.56 -16.17 -5.43
C SER A 136 14.74 -17.44 -5.21
N VAL A 137 14.37 -17.70 -3.95
CA VAL A 137 13.54 -18.85 -3.62
C VAL A 137 12.19 -18.27 -3.17
N VAL A 138 11.08 -18.81 -3.69
CA VAL A 138 9.78 -18.19 -3.44
C VAL A 138 8.81 -19.15 -2.77
N CYS A 139 8.12 -18.68 -1.75
CA CYS A 139 7.10 -19.46 -1.05
C CYS A 139 5.77 -18.75 -1.25
N LEU A 140 4.75 -19.49 -1.69
CA LEU A 140 3.45 -18.91 -1.95
C LEU A 140 2.42 -19.48 -0.97
N LEU A 141 1.66 -18.61 -0.32
CA LEU A 141 0.55 -19.01 0.52
C LEU A 141 -0.71 -18.57 -0.20
N ASN A 142 -1.52 -19.53 -0.63
CA ASN A 142 -2.62 -19.18 -1.49
C ASN A 142 -3.99 -19.29 -0.85
N ASN A 143 -4.79 -18.24 -1.01
CA ASN A 143 -6.22 -18.26 -0.70
C ASN A 143 -6.52 -18.63 0.75
N PHE A 144 -6.05 -17.80 1.66
CA PHE A 144 -6.23 -18.06 3.08
C PHE A 144 -6.98 -16.93 3.78
N TYR A 145 -7.51 -17.25 4.97
CA TYR A 145 -8.19 -16.27 5.81
C TYR A 145 -8.14 -16.78 7.26
N PRO A 146 -7.89 -15.90 8.23
CA PRO A 146 -7.68 -14.45 8.11
C PRO A 146 -6.27 -14.12 7.65
N ARG A 147 -5.97 -12.83 7.63
CA ARG A 147 -4.76 -12.29 7.05
C ARG A 147 -3.51 -12.70 7.83
N GLU A 148 -3.65 -12.84 9.14
CA GLU A 148 -2.50 -13.13 9.99
C GLU A 148 -1.82 -14.44 9.62
N ALA A 149 -0.53 -14.39 9.28
CA ALA A 149 0.20 -15.62 8.98
C ALA A 149 1.66 -15.41 9.24
N LYS A 150 2.36 -16.48 9.62
CA LYS A 150 3.80 -16.40 9.80
C LYS A 150 4.53 -17.32 8.82
N VAL A 151 5.54 -16.77 8.16
CA VAL A 151 6.34 -17.55 7.22
C VAL A 151 7.80 -17.41 7.59
N GLN A 152 8.47 -18.54 7.76
CA GLN A 152 9.88 -18.54 8.11
C GLN A 152 10.66 -19.44 7.17
N TRP A 153 11.87 -19.03 6.84
CA TRP A 153 12.72 -19.81 5.96
C TRP A 153 13.78 -20.55 6.75
N LYS A 154 13.94 -21.83 6.44
CA LYS A 154 15.03 -22.60 6.99
C LYS A 154 15.86 -23.22 5.89
N VAL A 155 17.17 -23.05 6.01
CA VAL A 155 18.12 -23.58 5.05
C VAL A 155 19.01 -24.51 5.83
N ASP A 156 19.02 -25.78 5.45
CA ASP A 156 19.66 -26.84 6.24
C ASP A 156 19.35 -26.73 7.74
N ASN A 157 18.08 -26.45 8.02
CA ASN A 157 17.53 -26.33 9.37
C ASN A 157 17.85 -25.01 10.07
N ALA A 158 18.65 -24.17 9.44
CA ALA A 158 18.97 -22.86 10.02
C ALA A 158 17.93 -21.78 9.70
N LEU A 159 17.38 -21.16 10.74
CA LEU A 159 16.43 -20.07 10.55
C LEU A 159 17.08 -18.87 9.85
N GLN A 160 16.48 -18.40 8.76
CA GLN A 160 17.04 -17.25 8.04
C GLN A 160 16.49 -15.97 8.63
N SER A 161 17.28 -14.90 8.63
CA SER A 161 16.73 -13.60 9.03
C SER A 161 17.38 -12.47 8.25
N GLY A 162 16.55 -11.52 7.84
CA GLY A 162 17.00 -10.34 7.13
C GLY A 162 17.18 -10.50 5.64
N ASN A 163 16.85 -11.66 5.08
CA ASN A 163 17.09 -11.89 3.66
C ASN A 163 15.84 -12.31 2.90
N SER A 164 14.69 -11.98 3.47
CA SER A 164 13.44 -12.24 2.80
C SER A 164 12.49 -11.04 2.85
N GLN A 165 11.63 -10.96 1.86
CA GLN A 165 10.58 -9.94 1.84
C GLN A 165 9.25 -10.58 1.47
N GLU A 166 8.18 -10.07 2.06
CA GLU A 166 6.81 -10.60 1.83
C GLU A 166 5.98 -9.59 1.08
N SER A 167 4.98 -10.09 0.37
CA SER A 167 4.03 -9.24 -0.32
C SER A 167 2.69 -9.93 -0.23
N VAL A 168 1.62 -9.14 -0.06
CA VAL A 168 0.28 -9.71 0.16
C VAL A 168 -0.74 -9.04 -0.76
N THR A 169 -1.66 -9.83 -1.30
CA THR A 169 -2.71 -9.29 -2.14
C THR A 169 -3.77 -8.63 -1.27
N GLU A 170 -4.61 -7.80 -1.88
CA GLU A 170 -5.79 -7.29 -1.18
C GLU A 170 -6.79 -8.42 -1.06
N GLN A 171 -7.72 -8.29 -0.12
CA GLN A 171 -8.76 -9.29 0.04
C GLN A 171 -9.50 -9.50 -1.27
N ASP A 172 -9.67 -10.76 -1.66
CA ASP A 172 -10.25 -11.08 -2.96
C ASP A 172 -11.74 -10.74 -3.01
N SER A 173 -12.19 -10.16 -4.12
CA SER A 173 -13.58 -9.72 -4.24
C SER A 173 -14.56 -10.90 -4.33
N LYS A 174 -14.09 -12.04 -4.81
CA LYS A 174 -14.96 -13.19 -4.98
C LYS A 174 -14.98 -14.18 -3.80
N ASP A 175 -13.82 -14.52 -3.24
CA ASP A 175 -13.80 -15.49 -2.14
C ASP A 175 -13.33 -14.93 -0.80
N SER A 176 -13.04 -13.63 -0.77
CA SER A 176 -12.66 -12.91 0.45
C SER A 176 -11.38 -13.44 1.09
N THR A 177 -10.53 -14.09 0.30
CA THR A 177 -9.28 -14.59 0.85
C THR A 177 -8.10 -13.68 0.51
N TYR A 178 -6.94 -13.99 1.09
CA TYR A 178 -5.67 -13.32 0.81
C TYR A 178 -4.72 -14.34 0.21
N SER A 179 -3.71 -13.85 -0.50
CA SER A 179 -2.58 -14.70 -0.85
C SER A 179 -1.32 -13.90 -0.55
N LEU A 180 -0.20 -14.59 -0.36
CA LEU A 180 0.99 -13.95 0.16
C LEU A 180 2.17 -14.66 -0.46
N SER A 181 3.20 -13.90 -0.80
CA SER A 181 4.44 -14.51 -1.26
C SER A 181 5.57 -14.08 -0.34
N SER A 182 6.53 -14.97 -0.14
CA SER A 182 7.74 -14.61 0.58
C SER A 182 8.87 -15.02 -0.34
N THR A 183 9.84 -14.14 -0.51
CA THR A 183 10.96 -14.38 -1.41
C THR A 183 12.24 -14.29 -0.59
N LEU A 184 13.04 -15.35 -0.68
CA LEU A 184 14.33 -15.43 0.00
C LEU A 184 15.39 -15.16 -1.05
N THR A 185 16.27 -14.20 -0.78
CA THR A 185 17.30 -13.82 -1.75
C THR A 185 18.68 -14.20 -1.24
N LEU A 186 19.41 -14.99 -2.01
CA LEU A 186 20.76 -15.41 -1.65
C LEU A 186 21.71 -15.25 -2.82
N SER A 187 22.99 -15.12 -2.53
CA SER A 187 23.97 -15.18 -3.61
C SER A 187 23.98 -16.61 -4.14
N LYS A 188 24.38 -16.77 -5.38
CA LYS A 188 24.56 -18.09 -5.95
C LYS A 188 25.48 -18.95 -5.09
N ALA A 189 26.59 -18.37 -4.62
CA ALA A 189 27.54 -19.13 -3.81
C ALA A 189 26.89 -19.63 -2.53
N ASP A 190 26.13 -18.76 -1.86
CA ASP A 190 25.42 -19.14 -0.66
C ASP A 190 24.37 -20.19 -0.96
N TYR A 191 23.66 -20.02 -2.07
CA TYR A 191 22.66 -21.00 -2.46
C TYR A 191 23.29 -22.36 -2.68
N GLU A 192 24.42 -22.40 -3.38
CA GLU A 192 25.11 -23.66 -3.69
C GLU A 192 25.70 -24.33 -2.46
N LYS A 193 25.87 -23.56 -1.39
CA LYS A 193 26.50 -24.04 -0.16
C LYS A 193 25.63 -25.04 0.59
N HIS A 194 24.32 -24.88 0.46
CA HIS A 194 23.39 -25.66 1.26
C HIS A 194 22.50 -26.55 0.44
N LYS A 195 21.83 -27.49 1.10
CA LYS A 195 21.11 -28.54 0.42
C LYS A 195 19.60 -28.36 0.47
N VAL A 196 19.06 -28.26 1.69
CA VAL A 196 17.61 -28.25 1.87
C VAL A 196 17.06 -26.85 2.14
N TYR A 197 16.08 -26.46 1.32
CA TYR A 197 15.43 -25.15 1.44
C TYR A 197 14.00 -25.37 1.80
N ALA A 198 13.55 -24.74 2.89
CA ALA A 198 12.22 -24.98 3.41
C ALA A 198 11.55 -23.70 3.81
N CYS A 199 10.25 -23.69 3.59
N CYS A 199 10.26 -23.60 3.55
CA CYS A 199 9.38 -22.62 4.01
CA CYS A 199 9.49 -22.49 4.10
C CYS A 199 8.50 -23.22 5.10
C CYS A 199 8.40 -23.04 5.02
N GLU A 200 8.39 -22.54 6.25
CA GLU A 200 7.52 -23.02 7.32
C GLU A 200 6.40 -22.03 7.54
N VAL A 201 5.17 -22.52 7.46
CA VAL A 201 4.00 -21.66 7.47
C VAL A 201 3.13 -21.94 8.69
N THR A 202 2.87 -20.88 9.45
CA THR A 202 2.00 -20.95 10.61
C THR A 202 0.77 -20.10 10.36
N HIS A 203 -0.40 -20.72 10.52
CA HIS A 203 -1.67 -20.03 10.29
C HIS A 203 -2.75 -20.75 11.09
N GLN A 204 -3.71 -20.00 11.62
CA GLN A 204 -4.67 -20.62 12.52
C GLN A 204 -5.57 -21.65 11.85
N GLY A 205 -5.62 -21.63 10.53
CA GLY A 205 -6.37 -22.65 9.79
C GLY A 205 -5.65 -23.98 9.70
N LEU A 206 -4.38 -24.01 10.11
CA LEU A 206 -3.62 -25.26 10.12
C LEU A 206 -3.44 -25.78 11.55
N SER A 207 -3.70 -27.07 11.74
CA SER A 207 -3.54 -27.70 13.06
C SER A 207 -2.10 -27.60 13.55
N SER A 208 -1.18 -27.86 12.63
CA SER A 208 0.24 -27.71 12.87
C SER A 208 0.81 -26.89 11.72
N PRO A 209 1.95 -26.23 11.95
CA PRO A 209 2.55 -25.50 10.83
C PRO A 209 2.88 -26.44 9.68
N VAL A 210 2.79 -25.93 8.46
CA VAL A 210 3.08 -26.70 7.27
C VAL A 210 4.47 -26.34 6.78
N THR A 211 5.24 -27.33 6.39
CA THR A 211 6.55 -27.06 5.80
C THR A 211 6.59 -27.59 4.37
N LYS A 212 6.97 -26.75 3.42
CA LYS A 212 7.28 -27.23 2.07
C LYS A 212 8.78 -27.05 1.83
N SER A 213 9.39 -27.97 1.12
CA SER A 213 10.84 -27.93 0.94
C SER A 213 11.28 -28.60 -0.36
N PHE A 214 12.51 -28.30 -0.77
CA PHE A 214 13.12 -29.03 -1.87
C PHE A 214 14.59 -29.19 -1.58
N ASN A 215 15.22 -30.13 -2.28
CA ASN A 215 16.67 -30.31 -2.24
C ASN A 215 17.28 -29.68 -3.49
N ARG A 216 18.22 -28.75 -3.29
CA ARG A 216 18.91 -28.12 -4.41
C ARG A 216 19.46 -29.15 -5.37
N GLY A 217 19.20 -28.94 -6.67
CA GLY A 217 19.79 -29.76 -7.70
C GLY A 217 18.94 -30.97 -8.07
N GLU A 218 17.92 -31.26 -7.28
CA GLU A 218 17.14 -32.47 -7.46
C GLU A 218 15.76 -32.22 -8.05
N ARG B 1 -19.07 20.25 -9.52
CA ARG B 1 -18.70 19.55 -8.30
C ARG B 1 -17.34 20.05 -7.82
N VAL B 2 -17.23 20.30 -6.52
CA VAL B 2 -15.96 20.71 -5.92
C VAL B 2 -14.89 19.70 -6.28
N GLN B 3 -13.77 20.16 -6.85
CA GLN B 3 -12.72 19.23 -7.28
C GLN B 3 -11.31 19.81 -7.17
N LEU B 4 -10.35 18.93 -6.87
CA LEU B 4 -8.94 19.26 -6.84
C LEU B 4 -8.20 18.29 -7.73
N VAL B 5 -7.26 18.79 -8.53
CA VAL B 5 -6.46 17.90 -9.38
C VAL B 5 -4.98 18.20 -9.28
N GLU B 6 -4.20 17.24 -8.79
CA GLU B 6 -2.77 17.39 -8.68
C GLU B 6 -2.04 16.91 -9.93
N SER B 7 -0.89 17.50 -10.19
CA SER B 7 -0.01 17.02 -11.24
C SER B 7 1.42 17.43 -10.90
N GLY B 8 2.38 16.93 -11.67
CA GLY B 8 3.75 17.37 -11.49
C GLY B 8 4.63 16.30 -10.90
N GLY B 9 4.02 15.21 -10.43
CA GLY B 9 4.78 14.11 -9.86
C GLY B 9 5.65 13.43 -10.88
N GLY B 10 6.68 12.76 -10.40
CA GLY B 10 7.57 12.05 -11.29
C GLY B 10 8.65 11.34 -10.52
N VAL B 11 9.58 10.74 -11.25
CA VAL B 11 10.66 10.00 -10.63
C VAL B 11 11.89 10.89 -10.70
N VAL B 12 12.46 11.20 -9.54
CA VAL B 12 13.54 12.18 -9.45
C VAL B 12 14.69 11.72 -8.56
N GLN B 13 15.88 12.25 -8.82
CA GLN B 13 17.05 11.94 -8.03
C GLN B 13 17.05 12.73 -6.73
N PRO B 14 17.67 12.19 -5.68
CA PRO B 14 17.82 12.95 -4.44
C PRO B 14 18.57 14.26 -4.71
N GLY B 15 18.13 15.35 -4.10
CA GLY B 15 18.80 16.62 -4.24
C GLY B 15 18.10 17.54 -5.22
N LYS B 16 17.29 16.95 -6.10
CA LYS B 16 16.60 17.72 -7.12
C LYS B 16 15.38 18.40 -6.55
N SER B 17 14.69 19.12 -7.42
CA SER B 17 13.49 19.83 -7.05
C SER B 17 12.36 19.45 -7.98
N VAL B 18 11.16 19.35 -7.42
CA VAL B 18 9.96 19.22 -8.24
C VAL B 18 8.97 20.26 -7.79
N ARG B 19 8.12 20.67 -8.72
CA ARG B 19 7.02 21.56 -8.38
C ARG B 19 5.73 20.83 -8.69
N LEU B 20 4.91 20.66 -7.67
CA LEU B 20 3.59 20.07 -7.83
C LEU B 20 2.59 21.18 -7.99
N SER B 21 1.55 20.92 -8.78
CA SER B 21 0.46 21.84 -8.98
C SER B 21 -0.82 21.18 -8.50
N CYS B 22 -1.78 22.00 -8.07
CA CYS B 22 -3.08 21.50 -7.70
C CYS B 22 -4.14 22.45 -8.21
N VAL B 23 -4.81 22.03 -9.28
CA VAL B 23 -5.83 22.85 -9.94
C VAL B 23 -7.19 22.62 -9.33
N VAL B 24 -7.92 23.71 -9.11
CA VAL B 24 -9.13 23.75 -8.32
C VAL B 24 -10.38 24.10 -9.15
N SER B 25 -11.52 23.47 -8.84
CA SER B 25 -12.77 23.74 -9.57
C SER B 25 -13.99 23.88 -8.65
N ASP B 26 -14.85 24.85 -8.97
CA ASP B 26 -16.16 25.02 -8.33
C ASP B 26 -16.18 25.56 -6.90
N PHE B 27 -15.22 26.40 -6.56
CA PHE B 27 -15.28 27.16 -5.30
C PHE B 27 -14.31 28.34 -5.31
N PRO B 28 -14.54 29.34 -4.42
CA PRO B 28 -13.64 30.49 -4.33
C PRO B 28 -12.28 30.13 -3.73
N PHE B 29 -11.36 29.68 -4.57
CA PHE B 29 -10.03 29.25 -4.13
C PHE B 29 -9.36 30.19 -3.11
N SER B 30 -9.47 31.49 -3.34
CA SER B 30 -8.78 32.47 -2.49
C SER B 30 -9.47 32.73 -1.16
N LYS B 31 -10.60 32.08 -0.92
CA LYS B 31 -11.24 32.12 0.40
C LYS B 31 -10.84 30.95 1.31
N TYR B 32 -10.10 29.98 0.77
CA TYR B 32 -9.79 28.75 1.51
C TYR B 32 -8.30 28.54 1.76
N PRO B 33 -7.95 28.28 3.03
CA PRO B 33 -6.61 27.76 3.29
C PRO B 33 -6.55 26.37 2.65
N MET B 34 -5.36 25.95 2.26
CA MET B 34 -5.19 24.68 1.58
C MET B 34 -4.10 23.87 2.25
N TYR B 35 -4.11 22.57 2.03
CA TYR B 35 -3.13 21.70 2.65
C TYR B 35 -2.49 20.78 1.62
N TRP B 36 -1.28 20.32 1.92
CA TRP B 36 -0.70 19.17 1.23
C TRP B 36 -0.53 18.08 2.26
N VAL B 37 -0.92 16.86 1.90
CA VAL B 37 -0.80 15.69 2.78
C VAL B 37 -0.20 14.57 1.93
N ARG B 38 0.79 13.85 2.46
CA ARG B 38 1.38 12.75 1.70
C ARG B 38 1.11 11.36 2.29
N GLN B 39 1.30 10.33 1.47
CA GLN B 39 1.03 8.96 1.89
C GLN B 39 2.07 8.07 1.23
N ALA B 40 3.05 7.62 2.01
CA ALA B 40 4.12 6.78 1.46
C ALA B 40 3.53 5.40 1.15
N PRO B 41 4.16 4.65 0.24
CA PRO B 41 3.63 3.33 -0.17
C PRO B 41 3.39 2.40 1.00
N GLY B 42 2.16 1.92 1.10
CA GLY B 42 1.75 1.01 2.15
C GLY B 42 1.60 1.64 3.51
N LYS B 43 1.73 2.97 3.60
CA LYS B 43 1.72 3.65 4.88
C LYS B 43 0.49 4.56 5.05
N GLY B 44 0.46 5.25 6.19
CA GLY B 44 -0.65 6.11 6.54
C GLY B 44 -0.48 7.54 6.03
N LEU B 45 -1.33 8.42 6.54
CA LEU B 45 -1.34 9.81 6.06
C LEU B 45 -0.41 10.67 6.90
N GLU B 46 0.32 11.57 6.24
CA GLU B 46 1.23 12.49 6.92
C GLU B 46 1.05 13.91 6.37
N TRP B 47 0.68 14.84 7.25
CA TRP B 47 0.52 16.23 6.83
C TRP B 47 1.88 16.86 6.52
N VAL B 48 1.91 17.70 5.47
CA VAL B 48 3.15 18.25 4.91
C VAL B 48 3.24 19.78 5.00
N ALA B 49 2.18 20.44 4.56
CA ALA B 49 2.17 21.90 4.51
C ALA B 49 0.76 22.47 4.54
N ALA B 50 0.67 23.75 4.92
CA ALA B 50 -0.60 24.48 4.94
C ALA B 50 -0.29 25.91 4.49
N ILE B 51 -1.27 26.54 3.87
CA ILE B 51 -1.10 27.90 3.41
C ILE B 51 -2.39 28.65 3.67
N SER B 52 -2.28 29.89 4.17
CA SER B 52 -3.46 30.69 4.42
C SER B 52 -4.11 31.04 3.08
N ALA B 53 -5.37 31.45 3.13
CA ALA B 53 -6.07 31.91 1.92
C ALA B 53 -5.28 32.99 1.15
N ASP B 54 -4.71 33.95 1.87
CA ASP B 54 -4.05 35.10 1.25
C ASP B 54 -2.61 34.84 0.84
N ALA B 55 -2.13 33.62 1.09
CA ALA B 55 -0.75 33.22 0.83
C ALA B 55 0.32 33.86 1.72
N TRP B 56 -0.09 34.62 2.73
CA TRP B 56 0.86 35.36 3.58
C TRP B 56 1.30 34.59 4.82
N HIS B 57 0.75 33.41 5.02
CA HIS B 57 1.06 32.61 6.20
C HIS B 57 1.15 31.14 5.81
N VAL B 58 2.29 30.51 6.09
CA VAL B 58 2.49 29.11 5.75
C VAL B 58 3.03 28.32 6.94
N VAL B 59 2.69 27.04 7.00
CA VAL B 59 3.22 26.16 8.05
C VAL B 59 3.70 24.88 7.39
N TYR B 60 4.77 24.29 7.92
CA TYR B 60 5.34 23.06 7.40
C TYR B 60 5.53 22.03 8.50
N SER B 61 5.49 20.75 8.14
CA SER B 61 5.87 19.73 9.09
C SER B 61 7.38 19.80 9.31
N GLY B 62 7.84 19.33 10.46
CA GLY B 62 9.26 19.30 10.78
C GLY B 62 10.08 18.47 9.80
N SER B 63 9.45 17.49 9.16
CA SER B 63 10.14 16.63 8.19
C SER B 63 10.57 17.36 6.93
N VAL B 64 9.87 18.43 6.58
CA VAL B 64 10.12 19.07 5.29
C VAL B 64 10.47 20.54 5.41
N GLN B 65 10.42 21.04 6.64
CA GLN B 65 10.76 22.43 6.88
C GLN B 65 12.20 22.70 6.43
N GLY B 66 12.38 23.75 5.63
CA GLY B 66 13.71 24.10 5.14
C GLY B 66 14.01 23.45 3.81
N ARG B 67 13.07 22.65 3.31
CA ARG B 67 13.23 21.99 2.02
C ARG B 67 12.05 22.25 1.09
N PHE B 68 10.85 22.33 1.66
CA PHE B 68 9.67 22.54 0.84
C PHE B 68 9.19 23.98 0.94
N LEU B 69 8.53 24.43 -0.11
CA LEU B 69 7.92 25.74 -0.13
C LEU B 69 6.53 25.61 -0.72
N VAL B 70 5.53 26.00 0.06
CA VAL B 70 4.17 25.98 -0.43
C VAL B 70 3.78 27.37 -0.92
N SER B 71 3.10 27.41 -2.05
CA SER B 71 2.70 28.67 -2.63
C SER B 71 1.37 28.52 -3.34
N ARG B 72 0.75 29.64 -3.67
CA ARG B 72 -0.53 29.61 -4.37
C ARG B 72 -0.69 30.80 -5.31
N ASP B 73 -1.29 30.52 -6.47
CA ASP B 73 -1.58 31.54 -7.46
C ASP B 73 -3.06 31.84 -7.37
N ASN B 74 -3.42 32.86 -6.60
CA ASN B 74 -4.82 33.22 -6.41
C ASN B 74 -5.47 33.78 -7.68
N SER B 75 -4.68 34.02 -8.71
CA SER B 75 -5.22 34.51 -9.98
C SER B 75 -5.83 33.35 -10.76
N LYS B 76 -5.28 32.16 -10.59
CA LYS B 76 -5.54 31.06 -11.50
C LYS B 76 -6.18 29.81 -10.89
N ASN B 77 -6.79 29.95 -9.71
CA ASN B 77 -7.43 28.82 -9.03
C ASN B 77 -6.48 27.63 -8.83
N ILE B 78 -5.27 27.88 -8.33
CA ILE B 78 -4.24 26.86 -8.30
C ILE B 78 -3.27 26.92 -7.10
N LEU B 79 -2.91 25.76 -6.56
CA LEU B 79 -2.01 25.65 -5.41
C LEU B 79 -0.73 24.91 -5.80
N TYR B 80 0.40 25.32 -5.23
CA TYR B 80 1.70 24.73 -5.54
C TYR B 80 2.47 24.19 -4.33
N LEU B 81 3.30 23.18 -4.57
CA LEU B 81 4.29 22.73 -3.60
C LEU B 81 5.64 22.55 -4.30
N GLU B 82 6.60 23.40 -3.96
CA GLU B 82 7.93 23.28 -4.48
C GLU B 82 8.70 22.41 -3.52
N MET B 83 9.26 21.33 -4.03
CA MET B 83 9.97 20.37 -3.20
C MET B 83 11.44 20.31 -3.53
N ASN B 84 12.25 21.00 -2.74
CA ASN B 84 13.71 21.01 -2.93
C ASN B 84 14.43 20.02 -2.02
N THR B 85 15.71 19.80 -2.31
CA THR B 85 16.60 18.95 -1.50
C THR B 85 15.92 17.64 -1.19
N LEU B 86 15.38 17.02 -2.24
CA LEU B 86 14.55 15.84 -2.05
C LEU B 86 15.34 14.69 -1.43
N LYS B 87 14.67 13.94 -0.56
CA LYS B 87 15.24 12.76 0.06
C LYS B 87 14.43 11.54 -0.33
N ILE B 88 15.06 10.36 -0.27
CA ILE B 88 14.37 9.12 -0.56
C ILE B 88 13.08 9.01 0.27
N GLU B 89 13.17 9.48 1.51
CA GLU B 89 12.07 9.40 2.47
C GLU B 89 10.88 10.26 2.08
N ASP B 90 11.06 11.11 1.08
CA ASP B 90 9.98 11.93 0.55
C ASP B 90 9.08 11.18 -0.44
N THR B 91 9.48 9.95 -0.79
CA THR B 91 8.70 9.17 -1.75
C THR B 91 7.28 8.90 -1.23
N ALA B 92 6.27 9.33 -1.98
CA ALA B 92 4.87 9.25 -1.52
C ALA B 92 3.91 9.71 -2.60
N VAL B 93 2.63 9.40 -2.41
CA VAL B 93 1.59 10.06 -3.17
C VAL B 93 1.25 11.35 -2.44
N TYR B 94 1.32 12.46 -3.15
CA TYR B 94 1.03 13.78 -2.57
C TYR B 94 -0.34 14.21 -2.99
N ARG B 95 -1.16 14.61 -2.02
CA ARG B 95 -2.49 15.07 -2.30
C ARG B 95 -2.66 16.47 -1.73
N CYS B 96 -3.37 17.33 -2.47
CA CYS B 96 -3.81 18.59 -1.89
C CYS B 96 -5.21 18.43 -1.36
N ALA B 97 -5.57 19.28 -0.41
CA ALA B 97 -6.85 19.17 0.23
C ALA B 97 -7.30 20.54 0.71
N ARG B 98 -8.61 20.74 0.71
CA ARG B 98 -9.21 22.03 1.05
C ARG B 98 -9.77 22.02 2.46
N MET B 99 -9.45 23.06 3.24
CA MET B 99 -10.06 23.22 4.56
C MET B 99 -11.57 23.15 4.44
N PHE B 100 -12.24 22.55 5.41
CA PHE B 100 -13.66 22.20 5.25
C PHE B 100 -14.64 23.37 5.40
N GLN B 101 -14.14 24.50 5.86
CA GLN B 101 -14.97 25.69 6.00
C GLN B 101 -14.13 26.89 5.64
N GLU B 102 -14.78 27.95 5.15
CA GLU B 102 -14.08 29.19 4.86
C GLU B 102 -13.46 29.76 6.13
N SER B 103 -12.32 30.43 5.97
CA SER B 103 -11.65 31.07 7.09
C SER B 103 -10.67 32.14 6.62
N GLY B 104 -11.03 33.40 6.86
CA GLY B 104 -10.16 34.51 6.57
C GLY B 104 -9.82 35.28 7.82
N PRO B 105 -8.75 36.08 7.79
CA PRO B 105 -8.36 36.90 8.95
C PRO B 105 -9.47 37.88 9.31
N PRO B 106 -9.54 38.30 10.58
CA PRO B 106 -10.57 39.23 11.06
C PRO B 106 -10.55 40.57 10.32
N ASN B 115 -4.98 36.99 17.76
CA ASN B 115 -4.85 37.68 16.48
C ASN B 115 -4.21 36.76 15.44
N TYR B 116 -4.72 35.54 15.32
CA TYR B 116 -4.06 34.50 14.54
C TYR B 116 -4.93 33.87 13.45
N TYR B 117 -4.28 33.36 12.41
CA TYR B 117 -4.97 32.61 11.35
C TYR B 117 -5.54 31.31 11.92
N TYR B 118 -6.76 30.97 11.51
CA TYR B 118 -7.43 29.77 12.02
C TYR B 118 -7.43 28.64 10.99
N TYR B 119 -7.07 27.45 11.44
CA TYR B 119 -7.02 26.28 10.57
C TYR B 119 -7.86 25.13 11.15
N SER B 120 -8.64 24.48 10.30
CA SER B 120 -9.34 23.25 10.70
C SER B 120 -9.19 22.12 9.69
N GLY B 121 -9.89 21.01 9.91
CA GLY B 121 -9.71 19.81 9.12
C GLY B 121 -10.15 19.97 7.68
N MET B 122 -9.69 19.11 6.79
CA MET B 122 -10.06 19.31 5.40
C MET B 122 -11.21 18.42 4.98
N ASP B 123 -11.93 18.83 3.93
CA ASP B 123 -13.06 18.03 3.46
C ASP B 123 -12.75 17.29 2.16
N VAL B 124 -12.37 18.03 1.13
CA VAL B 124 -12.15 17.43 -0.18
C VAL B 124 -10.67 17.24 -0.48
N TRP B 125 -10.33 16.07 -1.03
CA TRP B 125 -8.96 15.73 -1.39
C TRP B 125 -8.87 15.47 -2.89
N GLY B 126 -7.69 15.69 -3.48
CA GLY B 126 -7.48 15.30 -4.87
C GLY B 126 -7.04 13.85 -4.94
N GLN B 127 -6.94 13.32 -6.16
CA GLN B 127 -6.58 11.91 -6.36
C GLN B 127 -5.10 11.71 -6.07
N GLY B 128 -4.35 12.80 -6.19
CA GLY B 128 -2.94 12.78 -5.83
C GLY B 128 -2.02 12.65 -7.02
N THR B 129 -0.73 12.89 -6.78
CA THR B 129 0.31 12.70 -7.76
C THR B 129 1.52 12.06 -7.06
N THR B 130 2.21 11.14 -7.73
CA THR B 130 3.25 10.37 -7.05
C THR B 130 4.64 10.96 -7.29
N VAL B 131 5.40 11.16 -6.21
CA VAL B 131 6.78 11.58 -6.33
C VAL B 131 7.61 10.44 -5.80
N THR B 132 8.53 9.96 -6.62
CA THR B 132 9.40 8.87 -6.23
C THR B 132 10.83 9.42 -6.28
N VAL B 133 11.49 9.43 -5.13
CA VAL B 133 12.86 9.92 -5.04
C VAL B 133 13.80 8.73 -4.88
N SER B 134 14.75 8.60 -5.79
CA SER B 134 15.65 7.46 -5.82
C SER B 134 16.90 7.77 -6.62
N SER B 135 18.00 7.12 -6.26
CA SER B 135 19.24 7.22 -7.03
C SER B 135 19.25 6.29 -8.22
N ALA B 136 18.22 5.44 -8.32
CA ALA B 136 18.16 4.44 -9.38
C ALA B 136 17.97 5.06 -10.77
N SER B 137 18.49 4.38 -11.79
CA SER B 137 18.22 4.71 -13.18
C SER B 137 17.28 3.68 -13.76
N THR B 138 16.65 4.03 -14.87
CA THR B 138 15.74 3.15 -15.59
C THR B 138 16.36 1.78 -15.83
N LYS B 139 15.62 0.72 -15.51
CA LYS B 139 16.13 -0.62 -15.76
C LYS B 139 14.98 -1.56 -16.04
N GLY B 140 15.14 -2.40 -17.06
CA GLY B 140 14.09 -3.32 -17.45
C GLY B 140 14.16 -4.56 -16.57
N PRO B 141 13.03 -5.22 -16.35
CA PRO B 141 13.06 -6.41 -15.48
C PRO B 141 13.67 -7.62 -16.17
N SER B 142 14.18 -8.53 -15.35
CA SER B 142 14.44 -9.90 -15.79
C SER B 142 13.17 -10.67 -15.44
N VAL B 143 12.81 -11.62 -16.27
CA VAL B 143 11.61 -12.42 -15.99
C VAL B 143 12.01 -13.88 -15.88
N PHE B 144 11.82 -14.46 -14.70
CA PHE B 144 12.22 -15.85 -14.49
C PHE B 144 10.98 -16.69 -14.23
N PRO B 145 11.01 -17.95 -14.67
CA PRO B 145 9.87 -18.83 -14.40
C PRO B 145 9.81 -19.25 -12.93
N LEU B 146 8.59 -19.37 -12.40
CA LEU B 146 8.38 -20.04 -11.13
C LEU B 146 7.72 -21.35 -11.56
N ALA B 147 8.52 -22.40 -11.66
CA ALA B 147 8.04 -23.63 -12.28
C ALA B 147 7.60 -24.64 -11.24
N PRO B 148 6.60 -25.46 -11.59
CA PRO B 148 6.29 -26.62 -10.75
C PRO B 148 7.49 -27.56 -10.77
N SER B 149 8.33 -27.50 -9.74
CA SER B 149 9.58 -28.27 -9.70
C SER B 149 9.78 -28.91 -8.33
N SER B 150 10.08 -30.21 -8.30
CA SER B 150 10.25 -31.02 -9.50
C SER B 150 8.93 -31.64 -9.97
N LYS B 151 8.98 -32.95 -10.19
CA LYS B 151 7.89 -33.65 -10.85
C LYS B 151 6.93 -34.33 -9.88
N SER B 152 7.42 -35.31 -9.13
CA SER B 152 6.59 -36.14 -8.25
C SER B 152 5.79 -35.37 -7.19
N THR B 153 4.46 -35.42 -7.32
CA THR B 153 3.54 -34.95 -6.28
C THR B 153 2.36 -35.91 -6.24
N SER B 154 1.38 -35.61 -5.38
CA SER B 154 0.22 -36.48 -5.25
C SER B 154 -0.95 -35.99 -6.11
N GLY B 155 -0.71 -34.99 -6.95
CA GLY B 155 -1.74 -34.54 -7.87
C GLY B 155 -2.52 -33.37 -7.31
N GLY B 156 -3.67 -33.09 -7.89
CA GLY B 156 -4.49 -31.99 -7.45
C GLY B 156 -4.00 -30.69 -8.06
N THR B 157 -3.98 -29.63 -7.24
CA THR B 157 -3.65 -28.30 -7.73
C THR B 157 -2.15 -28.05 -7.76
N ALA B 158 -1.68 -27.44 -8.86
CA ALA B 158 -0.29 -27.01 -8.96
C ALA B 158 -0.26 -25.49 -9.05
N ALA B 159 0.91 -24.91 -8.82
CA ALA B 159 1.03 -23.46 -8.96
C ALA B 159 2.22 -23.20 -9.84
N LEU B 160 2.12 -22.18 -10.66
CA LEU B 160 3.26 -21.72 -11.42
C LEU B 160 3.22 -20.21 -11.47
N GLY B 161 4.26 -19.62 -12.05
CA GLY B 161 4.30 -18.17 -12.07
C GLY B 161 5.51 -17.58 -12.76
N CYS B 162 5.63 -16.26 -12.65
N CYS B 162 5.65 -16.27 -12.64
CA CYS B 162 6.80 -15.54 -13.14
CA CYS B 162 6.85 -15.61 -13.15
C CYS B 162 7.31 -14.61 -12.06
C CYS B 162 7.33 -14.54 -12.19
N LEU B 163 8.63 -14.56 -11.92
CA LEU B 163 9.26 -13.62 -11.02
C LEU B 163 9.80 -12.48 -11.89
N VAL B 164 9.35 -11.26 -11.63
CA VAL B 164 9.70 -10.11 -12.44
C VAL B 164 10.64 -9.28 -11.59
N LYS B 165 11.94 -9.41 -11.84
CA LYS B 165 12.92 -8.95 -10.87
C LYS B 165 13.78 -7.80 -11.36
N ASP B 166 14.11 -6.90 -10.45
CA ASP B 166 15.14 -5.87 -10.67
C ASP B 166 14.78 -4.87 -11.77
N TYR B 167 13.67 -4.18 -11.60
CA TYR B 167 13.28 -3.12 -12.53
C TYR B 167 13.14 -1.79 -11.82
N PHE B 168 13.14 -0.72 -12.59
CA PHE B 168 12.94 0.63 -12.07
C PHE B 168 12.58 1.55 -13.22
N PRO B 169 11.63 2.46 -13.02
CA PRO B 169 10.77 2.61 -11.85
C PRO B 169 9.51 1.75 -12.01
N GLU B 170 8.57 1.92 -11.09
CA GLU B 170 7.24 1.32 -11.21
C GLU B 170 6.52 2.08 -12.30
N PRO B 171 5.50 1.47 -12.94
CA PRO B 171 4.99 0.11 -12.70
C PRO B 171 5.41 -0.89 -13.78
N VAL B 172 5.19 -2.17 -13.50
CA VAL B 172 5.14 -3.16 -14.56
C VAL B 172 3.71 -3.69 -14.60
N THR B 173 3.26 -4.12 -15.77
CA THR B 173 2.00 -4.82 -15.86
C THR B 173 2.27 -6.28 -16.23
N VAL B 174 1.48 -7.18 -15.68
CA VAL B 174 1.61 -8.57 -16.01
C VAL B 174 0.23 -9.13 -16.32
N SER B 175 0.16 -9.93 -17.37
CA SER B 175 -1.05 -10.70 -17.65
C SER B 175 -0.64 -12.13 -18.00
N TRP B 176 -1.61 -13.02 -18.09
CA TRP B 176 -1.35 -14.36 -18.57
C TRP B 176 -2.10 -14.64 -19.86
N ASN B 177 -1.41 -15.29 -20.81
CA ASN B 177 -2.02 -15.69 -22.09
C ASN B 177 -2.75 -14.50 -22.74
N SER B 178 -2.10 -13.35 -22.72
CA SER B 178 -2.62 -12.13 -23.34
C SER B 178 -3.94 -11.68 -22.77
N GLY B 179 -4.17 -11.94 -21.49
CA GLY B 179 -5.38 -11.52 -20.81
C GLY B 179 -6.47 -12.55 -20.85
N ALA B 180 -6.23 -13.65 -21.56
CA ALA B 180 -7.22 -14.71 -21.66
C ALA B 180 -7.35 -15.51 -20.37
N LEU B 181 -6.32 -15.51 -19.54
CA LEU B 181 -6.36 -16.26 -18.29
C LEU B 181 -6.29 -15.32 -17.10
N THR B 182 -7.40 -15.20 -16.38
CA THR B 182 -7.42 -14.42 -15.14
C THR B 182 -7.79 -15.29 -13.96
N SER B 183 -8.48 -16.39 -14.23
CA SER B 183 -8.93 -17.27 -13.16
C SER B 183 -7.73 -17.92 -12.47
N GLY B 184 -7.71 -17.82 -11.14
CA GLY B 184 -6.63 -18.37 -10.34
C GLY B 184 -5.36 -17.53 -10.31
N VAL B 185 -5.38 -16.38 -10.98
CA VAL B 185 -4.16 -15.53 -11.04
C VAL B 185 -4.06 -14.58 -9.86
N HIS B 186 -2.88 -14.48 -9.25
CA HIS B 186 -2.62 -13.45 -8.26
C HIS B 186 -1.33 -12.74 -8.63
N THR B 187 -1.42 -11.43 -8.84
CA THR B 187 -0.23 -10.64 -9.11
C THR B 187 0.04 -9.81 -7.87
N PHE B 188 1.21 -10.00 -7.27
CA PHE B 188 1.52 -9.37 -5.99
C PHE B 188 1.99 -7.93 -6.15
N PRO B 189 1.74 -7.09 -5.14
CA PRO B 189 2.30 -5.73 -5.12
C PRO B 189 3.82 -5.80 -5.21
N ALA B 190 4.41 -4.87 -5.93
CA ALA B 190 5.87 -4.84 -5.98
C ALA B 190 6.46 -4.57 -4.60
N VAL B 191 7.68 -5.06 -4.38
CA VAL B 191 8.44 -4.70 -3.20
C VAL B 191 9.68 -3.94 -3.65
N LEU B 192 10.09 -2.97 -2.85
CA LEU B 192 11.35 -2.29 -3.14
C LEU B 192 12.49 -3.00 -2.42
N GLN B 193 13.47 -3.47 -3.19
CA GLN B 193 14.63 -4.19 -2.63
C GLN B 193 15.66 -3.19 -2.12
N SER B 194 16.58 -3.67 -1.28
CA SER B 194 17.62 -2.81 -0.73
C SER B 194 18.52 -2.25 -1.83
N SER B 195 18.53 -2.90 -2.98
CA SER B 195 19.29 -2.40 -4.13
C SER B 195 18.69 -1.14 -4.75
N GLY B 196 17.47 -0.80 -4.35
CA GLY B 196 16.75 0.30 -4.98
C GLY B 196 15.92 -0.12 -6.19
N LEU B 197 15.95 -1.41 -6.55
CA LEU B 197 15.19 -1.91 -7.68
C LEU B 197 13.93 -2.65 -7.20
N TYR B 198 12.90 -2.67 -8.02
CA TYR B 198 11.66 -3.30 -7.57
C TYR B 198 11.63 -4.75 -8.03
N SER B 199 10.77 -5.56 -7.42
N SER B 199 10.78 -5.54 -7.41
CA SER B 199 10.57 -6.95 -7.83
CA SER B 199 10.52 -6.90 -7.88
C SER B 199 9.16 -7.37 -7.48
C SER B 199 9.07 -7.23 -7.59
N LEU B 200 8.54 -8.19 -8.34
CA LEU B 200 7.21 -8.72 -8.02
C LEU B 200 7.07 -10.10 -8.65
N SER B 201 6.07 -10.84 -8.22
N SER B 201 6.08 -10.85 -8.20
CA SER B 201 5.78 -12.11 -8.86
CA SER B 201 5.78 -12.13 -8.82
C SER B 201 4.31 -12.15 -9.15
C SER B 201 4.30 -12.14 -9.15
N SER B 202 3.95 -12.95 -10.14
CA SER B 202 2.55 -13.20 -10.48
C SER B 202 2.44 -14.72 -10.55
N VAL B 203 1.42 -15.29 -9.91
CA VAL B 203 1.29 -16.74 -9.90
C VAL B 203 -0.10 -17.12 -10.38
N VAL B 204 -0.26 -18.38 -10.74
CA VAL B 204 -1.59 -18.89 -11.07
C VAL B 204 -1.66 -20.35 -10.65
N THR B 205 -2.81 -20.76 -10.11
CA THR B 205 -3.01 -22.16 -9.76
C THR B 205 -3.75 -22.84 -10.90
N VAL B 206 -3.31 -24.03 -11.26
CA VAL B 206 -3.86 -24.75 -12.40
C VAL B 206 -3.87 -26.23 -12.07
N PRO B 207 -4.62 -27.05 -12.81
CA PRO B 207 -4.59 -28.47 -12.45
C PRO B 207 -3.25 -29.07 -12.80
N SER B 208 -2.68 -29.92 -11.94
CA SER B 208 -1.37 -30.49 -12.26
C SER B 208 -1.37 -31.29 -13.58
N SER B 209 -2.50 -31.87 -13.93
CA SER B 209 -2.59 -32.66 -15.16
C SER B 209 -2.46 -31.83 -16.44
N SER B 210 -2.51 -30.51 -16.32
CA SER B 210 -2.56 -29.64 -17.50
C SER B 210 -1.19 -29.06 -17.89
N LEU B 211 -0.21 -29.26 -17.02
CA LEU B 211 1.10 -28.63 -17.17
C LEU B 211 1.80 -28.81 -18.53
N GLY B 212 1.49 -29.89 -19.23
CA GLY B 212 2.13 -30.15 -20.51
C GLY B 212 1.16 -30.23 -21.67
N THR B 213 -0.10 -29.91 -21.43
CA THR B 213 -1.11 -29.92 -22.48
C THR B 213 -1.74 -28.54 -22.62
N GLN B 214 -1.52 -27.72 -21.61
CA GLN B 214 -1.92 -26.33 -21.66
C GLN B 214 -0.71 -25.46 -21.83
N THR B 215 -0.94 -24.20 -22.14
CA THR B 215 0.14 -23.25 -22.37
C THR B 215 -0.04 -22.15 -21.35
N TYR B 216 1.05 -21.72 -20.72
CA TYR B 216 0.95 -20.68 -19.73
C TYR B 216 2.04 -19.68 -19.99
N ILE B 217 1.64 -18.50 -20.44
CA ILE B 217 2.60 -17.49 -20.85
C ILE B 217 2.36 -16.24 -20.07
N CYS B 218 3.39 -15.75 -19.37
N CYS B 218 3.43 -15.72 -19.49
CA CYS B 218 3.21 -14.50 -18.66
CA CYS B 218 3.41 -14.52 -18.67
C CYS B 218 3.74 -13.36 -19.52
C CYS B 218 3.82 -13.30 -19.50
N ASN B 219 2.89 -12.35 -19.68
CA ASN B 219 3.19 -11.18 -20.50
C ASN B 219 3.57 -10.05 -19.59
N VAL B 220 4.82 -9.59 -19.70
CA VAL B 220 5.30 -8.54 -18.83
C VAL B 220 5.68 -7.32 -19.66
N ASN B 221 5.23 -6.16 -19.22
CA ASN B 221 5.48 -4.93 -19.95
C ASN B 221 5.99 -3.92 -18.95
N HIS B 222 7.07 -3.22 -19.29
CA HIS B 222 7.59 -2.18 -18.42
C HIS B 222 7.86 -1.02 -19.36
N LYS B 223 6.93 -0.08 -19.39
CA LYS B 223 7.03 1.01 -20.38
C LYS B 223 8.33 1.86 -20.33
N PRO B 224 8.80 2.21 -19.13
CA PRO B 224 10.01 3.06 -19.07
C PRO B 224 11.22 2.49 -19.78
N SER B 225 11.34 1.16 -19.81
CA SER B 225 12.47 0.53 -20.46
C SER B 225 12.11 -0.02 -21.83
N ASN B 226 10.88 0.23 -22.25
CA ASN B 226 10.34 -0.36 -23.48
C ASN B 226 10.56 -1.87 -23.52
N THR B 227 10.31 -2.51 -22.39
CA THR B 227 10.44 -3.95 -22.27
C THR B 227 9.06 -4.59 -22.46
N LYS B 228 9.02 -5.56 -23.36
CA LYS B 228 7.87 -6.43 -23.54
C LYS B 228 8.40 -7.85 -23.61
N VAL B 229 7.99 -8.67 -22.65
CA VAL B 229 8.47 -10.04 -22.55
C VAL B 229 7.28 -10.99 -22.45
N ASP B 230 7.31 -12.04 -23.25
CA ASP B 230 6.31 -13.11 -23.14
C ASP B 230 7.03 -14.39 -22.77
N LYS B 231 6.94 -14.76 -21.50
CA LYS B 231 7.70 -15.91 -21.02
C LYS B 231 6.81 -17.13 -20.83
N ARG B 232 7.09 -18.17 -21.58
CA ARG B 232 6.35 -19.42 -21.45
C ARG B 232 6.85 -20.17 -20.22
N VAL B 233 5.95 -20.56 -19.34
CA VAL B 233 6.38 -21.23 -18.11
C VAL B 233 6.07 -22.72 -18.21
N GLU B 234 7.11 -23.54 -18.14
CA GLU B 234 6.94 -24.99 -18.26
C GLU B 234 7.63 -25.73 -17.11
N PRO B 235 7.13 -26.92 -16.76
CA PRO B 235 7.76 -27.68 -15.67
C PRO B 235 9.23 -27.96 -16.00
N LYS B 236 10.09 -27.95 -14.99
CA LYS B 236 11.53 -28.13 -15.21
C LYS B 236 11.91 -29.59 -15.42
#